data_8PX3
#
_entry.id   8PX3
#
_cell.length_a   1.00
_cell.length_b   1.00
_cell.length_c   1.00
_cell.angle_alpha   90.00
_cell.angle_beta   90.00
_cell.angle_gamma   90.00
#
_symmetry.space_group_name_H-M   'P 1'
#
loop_
_entity.id
_entity.type
_entity.pdbx_description
1 polymer 'External core antigen'
2 polymer P1dC
#
loop_
_entity_poly.entity_id
_entity_poly.type
_entity_poly.pdbx_seq_one_letter_code
_entity_poly.pdbx_strand_id
1 'polypeptide(L)'
;MDIDPYKEFGATVELLSFLPSDFFPSVRDLLDTASALYREALESPEHCSPHHTALRQAILCWGELMTLATWVGVNLEDPA
SRDLVVSYVNTNMGLKFRQLLWFHISCLTFGRETVIEYLVSFGVWIRTPPAYRPPNAPILSTLPETTVVRRRGRSPRRRT
PSPRRRRSQSPRRRRSQSRESQC
;
B,A,C,D
2 'polypeptide(L)' (UNK)(UNK)(UNK)(UNK)(UNK)(UNK)(UNK)(UNK)(UNK)(UNK)(UNK)(UNK) F,E
#
# COMPACT_ATOMS: atom_id res chain seq x y z
N MET A 1 -33.58 -11.84 7.46
CA MET A 1 -34.48 -11.02 6.65
C MET A 1 -34.45 -11.48 5.19
N ASP A 2 -33.77 -12.61 4.95
CA ASP A 2 -33.67 -13.20 3.62
C ASP A 2 -33.13 -12.18 2.61
N ILE A 3 -31.89 -11.74 2.86
CA ILE A 3 -31.21 -10.79 2.00
C ILE A 3 -30.20 -11.55 1.14
N ASP A 4 -30.23 -11.30 -0.16
CA ASP A 4 -29.27 -11.86 -1.08
C ASP A 4 -28.24 -10.80 -1.43
N PRO A 5 -26.97 -10.96 -1.04
CA PRO A 5 -26.00 -9.89 -1.26
C PRO A 5 -25.72 -9.59 -2.71
N TYR A 6 -26.04 -10.50 -3.63
CA TYR A 6 -25.79 -10.30 -5.05
C TYR A 6 -27.02 -9.86 -5.81
N LYS A 7 -28.20 -9.93 -5.21
CA LYS A 7 -29.43 -9.69 -5.95
C LYS A 7 -29.51 -8.26 -6.45
N GLU A 8 -29.09 -7.30 -5.63
CA GLU A 8 -29.06 -5.90 -6.07
C GLU A 8 -28.13 -5.70 -7.26
N PHE A 9 -27.20 -6.62 -7.50
CA PHE A 9 -26.31 -6.54 -8.65
C PHE A 9 -26.76 -7.41 -9.81
N GLY A 10 -27.87 -8.14 -9.67
CA GLY A 10 -28.37 -8.97 -10.73
C GLY A 10 -27.86 -10.39 -10.73
N ALA A 11 -27.01 -10.76 -9.80
CA ALA A 11 -26.57 -12.13 -9.63
C ALA A 11 -27.29 -12.72 -8.42
N THR A 12 -27.04 -14.00 -8.16
CA THR A 12 -27.71 -14.67 -7.07
C THR A 12 -26.76 -15.71 -6.46
N VAL A 13 -27.05 -16.08 -5.21
CA VAL A 13 -26.26 -17.10 -4.54
C VAL A 13 -26.32 -18.43 -5.28
N GLU A 14 -27.47 -18.78 -5.86
CA GLU A 14 -27.55 -20.00 -6.66
C GLU A 14 -26.73 -19.89 -7.94
N LEU A 15 -26.53 -18.67 -8.45
CA LEU A 15 -25.70 -18.48 -9.63
C LEU A 15 -24.22 -18.53 -9.30
N LEU A 16 -23.84 -18.13 -8.10
CA LEU A 16 -22.45 -18.25 -7.67
C LEU A 16 -22.16 -19.56 -6.95
N SER A 17 -23.15 -20.43 -6.79
CA SER A 17 -22.91 -21.69 -6.11
C SER A 17 -22.31 -22.75 -7.01
N PHE A 18 -22.18 -22.49 -8.31
CA PHE A 18 -21.63 -23.46 -9.24
C PHE A 18 -20.10 -23.37 -9.31
N LEU A 19 -19.55 -22.18 -9.14
CA LEU A 19 -18.11 -22.01 -9.10
C LEU A 19 -17.53 -22.82 -7.95
N PRO A 20 -16.57 -23.72 -8.22
CA PRO A 20 -16.02 -24.55 -7.14
C PRO A 20 -15.08 -23.75 -6.26
N SER A 21 -14.81 -24.31 -5.08
CA SER A 21 -13.92 -23.65 -4.14
C SER A 21 -12.56 -23.38 -4.74
N ASP A 22 -12.00 -24.35 -5.47
CA ASP A 22 -10.70 -24.19 -6.13
C ASP A 22 -10.68 -23.03 -7.10
N PHE A 23 -11.84 -22.49 -7.48
CA PHE A 23 -11.88 -21.35 -8.39
C PHE A 23 -11.55 -20.04 -7.70
N PHE A 24 -11.68 -19.98 -6.38
CA PHE A 24 -11.43 -18.63 -5.90
C PHE A 24 -10.05 -18.53 -5.26
N PRO A 25 -9.35 -17.43 -5.49
CA PRO A 25 -8.09 -17.21 -4.77
C PRO A 25 -8.34 -17.06 -3.28
N SER A 26 -7.28 -17.23 -2.51
CA SER A 26 -7.39 -17.11 -1.06
C SER A 26 -7.82 -15.69 -0.68
N VAL A 27 -8.35 -15.56 0.53
CA VAL A 27 -8.81 -14.25 1.00
C VAL A 27 -7.66 -13.27 1.02
N ARG A 28 -6.45 -13.73 1.36
CA ARG A 28 -5.30 -12.84 1.36
C ARG A 28 -4.97 -12.37 -0.05
N ASP A 29 -5.03 -13.29 -1.03
CA ASP A 29 -4.77 -12.90 -2.41
C ASP A 29 -5.81 -11.91 -2.91
N LEU A 30 -7.07 -12.09 -2.54
CA LEU A 30 -8.12 -11.18 -2.98
C LEU A 30 -7.97 -9.81 -2.33
N LEU A 31 -7.69 -9.79 -1.02
CA LEU A 31 -7.48 -8.51 -0.35
C LEU A 31 -6.24 -7.80 -0.89
N ASP A 32 -5.23 -8.57 -1.30
CA ASP A 32 -4.04 -7.96 -1.91
C ASP A 32 -4.36 -7.39 -3.28
N THR A 33 -5.16 -8.10 -4.07
CA THR A 33 -5.61 -7.55 -5.35
C THR A 33 -6.37 -6.24 -5.13
N ALA A 34 -7.25 -6.22 -4.14
CA ALA A 34 -7.98 -4.99 -3.83
C ALA A 34 -7.02 -3.88 -3.44
N SER A 35 -6.11 -4.16 -2.51
CA SER A 35 -5.21 -3.13 -1.99
C SER A 35 -4.26 -2.62 -3.07
N ALA A 36 -3.95 -3.45 -4.07
CA ALA A 36 -3.04 -3.03 -5.11
C ALA A 36 -3.75 -2.43 -6.32
N LEU A 37 -5.06 -2.63 -6.44
CA LEU A 37 -5.75 -2.11 -7.61
C LEU A 37 -6.67 -0.93 -7.30
N TYR A 38 -7.48 -1.02 -6.25
CA TYR A 38 -8.47 0.02 -5.98
C TYR A 38 -8.36 0.59 -4.57
N ARG A 39 -7.15 0.64 -4.02
CA ARG A 39 -6.98 1.17 -2.68
C ARG A 39 -7.37 2.64 -2.60
N GLU A 40 -6.94 3.43 -3.58
CA GLU A 40 -7.21 4.86 -3.57
C GLU A 40 -8.71 5.15 -3.63
N ALA A 41 -9.46 4.28 -4.32
CA ALA A 41 -10.90 4.47 -4.39
C ALA A 41 -11.62 3.89 -3.19
N LEU A 42 -11.09 2.82 -2.60
CA LEU A 42 -11.71 2.22 -1.44
C LEU A 42 -11.47 3.00 -0.16
N GLU A 43 -10.44 3.84 -0.12
CA GLU A 43 -10.17 4.68 1.03
C GLU A 43 -10.66 6.10 0.83
N SER A 44 -11.17 6.42 -0.36
CA SER A 44 -11.60 7.77 -0.67
C SER A 44 -12.86 8.12 0.11
N PRO A 45 -13.09 9.40 0.39
CA PRO A 45 -14.30 9.81 1.11
C PRO A 45 -15.54 10.00 0.25
N GLU A 46 -15.57 9.46 -0.96
CA GLU A 46 -16.70 9.65 -1.86
C GLU A 46 -17.22 8.30 -2.34
N HIS A 47 -18.54 8.17 -2.45
CA HIS A 47 -19.12 7.00 -3.08
C HIS A 47 -18.63 6.87 -4.52
N CYS A 48 -17.98 5.76 -4.81
CA CYS A 48 -17.53 5.51 -6.18
C CYS A 48 -18.43 4.53 -6.93
N SER A 49 -18.92 3.50 -6.25
CA SER A 49 -19.78 2.50 -6.88
C SER A 49 -20.40 1.61 -5.81
N PRO A 50 -21.57 1.04 -6.09
CA PRO A 50 -22.13 0.04 -5.17
C PRO A 50 -21.17 -1.10 -4.91
N HIS A 51 -20.38 -1.48 -5.92
CA HIS A 51 -19.35 -2.48 -5.71
C HIS A 51 -18.33 -2.00 -4.69
N HIS A 52 -17.96 -0.73 -4.75
CA HIS A 52 -16.99 -0.19 -3.80
C HIS A 52 -17.56 -0.23 -2.38
N THR A 53 -18.83 0.16 -2.23
CA THR A 53 -19.44 0.14 -0.89
C THR A 53 -19.50 -1.28 -0.34
N ALA A 54 -20.01 -2.22 -1.14
CA ALA A 54 -20.09 -3.60 -0.70
C ALA A 54 -18.71 -4.17 -0.39
N LEU A 55 -17.70 -3.76 -1.15
CA LEU A 55 -16.36 -4.29 -0.95
C LEU A 55 -15.76 -3.75 0.33
N ARG A 56 -15.97 -2.47 0.62
CA ARG A 56 -15.54 -1.92 1.91
C ARG A 56 -16.16 -2.71 3.06
N GLN A 57 -17.48 -2.92 3.00
CA GLN A 57 -18.14 -3.61 4.10
C GLN A 57 -17.65 -5.05 4.23
N ALA A 58 -17.40 -5.71 3.10
CA ALA A 58 -16.92 -7.08 3.13
C ALA A 58 -15.54 -7.16 3.78
N ILE A 59 -14.63 -6.24 3.41
CA ILE A 59 -13.31 -6.24 4.01
C ILE A 59 -13.40 -6.01 5.51
N LEU A 60 -14.25 -5.05 5.91
CA LEU A 60 -14.38 -4.75 7.34
C LEU A 60 -14.88 -5.97 8.12
N CYS A 61 -15.90 -6.65 7.61
CA CYS A 61 -16.41 -7.79 8.37
C CYS A 61 -15.46 -8.98 8.32
N TRP A 62 -14.72 -9.15 7.23
CA TRP A 62 -13.71 -10.20 7.23
C TRP A 62 -12.68 -9.94 8.31
N GLY A 63 -12.25 -8.68 8.44
CA GLY A 63 -11.35 -8.33 9.52
C GLY A 63 -11.93 -8.65 10.88
N GLU A 64 -13.21 -8.35 11.07
CA GLU A 64 -13.82 -8.59 12.37
C GLU A 64 -13.92 -10.07 12.69
N LEU A 65 -14.33 -10.88 11.71
CA LEU A 65 -14.31 -12.33 11.86
C LEU A 65 -12.91 -12.82 12.22
N MET A 66 -11.89 -12.28 11.57
CA MET A 66 -10.53 -12.72 11.83
C MET A 66 -10.10 -12.40 13.25
N THR A 67 -10.44 -11.20 13.73
CA THR A 67 -10.09 -10.84 15.10
C THR A 67 -10.82 -11.73 16.10
N LEU A 68 -12.09 -12.03 15.84
CA LEU A 68 -12.83 -12.94 16.71
C LEU A 68 -12.16 -14.32 16.76
N ALA A 69 -11.84 -14.86 15.59
CA ALA A 69 -11.24 -16.20 15.53
C ALA A 69 -9.87 -16.20 16.21
N THR A 70 -9.11 -15.12 16.04
CA THR A 70 -7.80 -15.04 16.68
C THR A 70 -7.93 -15.00 18.20
N TRP A 71 -8.88 -14.21 18.70
CA TRP A 71 -9.10 -14.16 20.15
C TRP A 71 -9.55 -15.52 20.69
N VAL A 72 -10.50 -16.15 20.01
CA VAL A 72 -10.97 -17.47 20.42
C VAL A 72 -9.81 -18.46 20.47
N GLY A 73 -9.00 -18.48 19.41
CA GLY A 73 -7.89 -19.41 19.36
C GLY A 73 -6.85 -19.15 20.43
N VAL A 74 -6.50 -17.88 20.64
CA VAL A 74 -5.52 -17.53 21.66
C VAL A 74 -6.00 -17.97 23.04
N ASN A 75 -7.32 -17.86 23.29
CA ASN A 75 -7.84 -18.34 24.55
C ASN A 75 -7.83 -19.87 24.62
N LEU A 76 -8.10 -20.53 23.49
CA LEU A 76 -8.28 -21.97 23.48
C LEU A 76 -6.96 -22.68 23.79
N GLU A 77 -7.06 -23.89 24.36
CA GLU A 77 -5.88 -24.62 24.80
C GLU A 77 -5.68 -25.98 24.11
N ASP A 78 -6.38 -26.25 23.01
CA ASP A 78 -6.20 -27.54 22.33
C ASP A 78 -5.72 -27.28 20.90
N PRO A 79 -4.59 -27.86 20.50
CA PRO A 79 -4.16 -27.71 19.10
C PRO A 79 -5.16 -28.28 18.11
N ALA A 80 -5.71 -29.46 18.40
CA ALA A 80 -6.72 -30.04 17.52
C ALA A 80 -7.95 -29.15 17.44
N SER A 81 -8.35 -28.54 18.56
CA SER A 81 -9.47 -27.62 18.53
C SER A 81 -9.16 -26.39 17.69
N ARG A 82 -7.93 -25.86 17.78
CA ARG A 82 -7.55 -24.76 16.90
C ARG A 82 -7.62 -25.15 15.43
N ASP A 83 -7.09 -26.33 15.07
CA ASP A 83 -7.21 -26.75 13.68
C ASP A 83 -8.66 -26.92 13.27
N LEU A 84 -9.51 -27.40 14.18
CA LEU A 84 -10.91 -27.62 13.83
C LEU A 84 -11.64 -26.31 13.59
N VAL A 85 -11.41 -25.31 14.46
CA VAL A 85 -12.07 -24.02 14.27
C VAL A 85 -11.56 -23.33 13.01
N VAL A 86 -10.26 -23.48 12.71
CA VAL A 86 -9.73 -22.87 11.50
C VAL A 86 -10.30 -23.56 10.27
N SER A 87 -10.41 -24.88 10.28
CA SER A 87 -10.99 -25.58 9.15
C SER A 87 -12.45 -25.18 8.96
N TYR A 88 -13.21 -25.09 10.05
CA TYR A 88 -14.62 -24.71 9.96
C TYR A 88 -14.78 -23.30 9.39
N VAL A 89 -14.01 -22.34 9.90
CA VAL A 89 -14.13 -20.97 9.40
C VAL A 89 -13.73 -20.92 7.93
N ASN A 90 -12.67 -21.63 7.56
CA ASN A 90 -12.18 -21.57 6.19
C ASN A 90 -13.08 -22.30 5.22
N THR A 91 -13.93 -23.21 5.69
CA THR A 91 -14.86 -23.85 4.78
C THR A 91 -16.24 -23.20 4.77
N ASN A 92 -16.59 -22.44 5.81
CA ASN A 92 -17.89 -21.79 5.86
C ASN A 92 -17.84 -20.31 5.49
N MET A 93 -17.06 -19.52 6.23
CA MET A 93 -17.02 -18.08 5.98
C MET A 93 -15.92 -17.71 5.00
N GLY A 94 -14.82 -18.46 4.99
CA GLY A 94 -13.76 -18.20 4.04
C GLY A 94 -14.25 -18.28 2.60
N LEU A 95 -15.00 -19.33 2.27
CA LEU A 95 -15.48 -19.49 0.90
C LEU A 95 -16.49 -18.41 0.54
N LYS A 96 -17.35 -18.03 1.49
CA LYS A 96 -18.36 -17.01 1.18
C LYS A 96 -17.72 -15.65 0.96
N PHE A 97 -16.70 -15.31 1.76
CA PHE A 97 -16.04 -14.03 1.54
C PHE A 97 -15.15 -14.06 0.32
N ARG A 98 -14.59 -15.22 -0.02
CA ARG A 98 -13.90 -15.35 -1.29
C ARG A 98 -14.84 -15.09 -2.45
N GLN A 99 -16.04 -15.67 -2.38
CA GLN A 99 -17.06 -15.42 -3.40
C GLN A 99 -17.37 -13.93 -3.51
N LEU A 100 -17.61 -13.29 -2.38
CA LEU A 100 -18.00 -11.87 -2.39
C LEU A 100 -16.88 -11.00 -2.95
N LEU A 101 -15.66 -11.15 -2.44
CA LEU A 101 -14.55 -10.34 -2.90
C LEU A 101 -14.24 -10.60 -4.37
N TRP A 102 -14.26 -11.87 -4.79
CA TRP A 102 -14.04 -12.19 -6.19
C TRP A 102 -15.08 -11.50 -7.07
N PHE A 103 -16.36 -11.62 -6.70
CA PHE A 103 -17.43 -11.01 -7.47
C PHE A 103 -17.18 -9.52 -7.62
N HIS A 104 -16.91 -8.83 -6.51
CA HIS A 104 -16.84 -7.38 -6.58
C HIS A 104 -15.59 -6.89 -7.29
N ILE A 105 -14.44 -7.52 -7.05
CA ILE A 105 -13.23 -7.14 -7.76
C ILE A 105 -13.38 -7.40 -9.25
N SER A 106 -13.99 -8.53 -9.62
CA SER A 106 -14.11 -8.86 -11.04
C SER A 106 -15.13 -7.96 -11.73
N CYS A 107 -16.17 -7.54 -11.02
CA CYS A 107 -17.10 -6.58 -11.60
C CYS A 107 -16.45 -5.22 -11.78
N LEU A 108 -15.62 -4.81 -10.81
CA LEU A 108 -14.90 -3.55 -10.97
C LEU A 108 -13.92 -3.61 -12.12
N THR A 109 -13.27 -4.76 -12.31
CA THR A 109 -12.24 -4.88 -13.34
C THR A 109 -12.85 -5.05 -14.73
N PHE A 110 -13.62 -6.12 -14.93
CA PHE A 110 -14.12 -6.49 -16.24
C PHE A 110 -15.46 -5.85 -16.56
N GLY A 111 -16.41 -5.96 -15.65
CA GLY A 111 -17.74 -5.42 -15.87
C GLY A 111 -18.80 -6.35 -15.33
N ARG A 112 -19.89 -5.78 -14.82
N ARG A 112 -19.89 -5.78 -14.82
CA ARG A 112 -20.94 -6.59 -14.20
CA ARG A 112 -20.93 -6.60 -14.20
C ARG A 112 -21.60 -7.52 -15.22
C ARG A 112 -21.60 -7.52 -15.22
N GLU A 113 -21.93 -6.99 -16.40
CA GLU A 113 -22.54 -7.82 -17.43
C GLU A 113 -21.60 -8.92 -17.88
N THR A 114 -20.30 -8.62 -17.96
CA THR A 114 -19.33 -9.62 -18.37
C THR A 114 -19.21 -10.72 -17.31
N VAL A 115 -19.19 -10.34 -16.03
CA VAL A 115 -19.14 -11.36 -14.98
C VAL A 115 -20.39 -12.23 -15.00
N ILE A 116 -21.55 -11.63 -15.26
CA ILE A 116 -22.77 -12.42 -15.28
C ILE A 116 -22.78 -13.40 -16.45
N GLU A 117 -22.36 -12.94 -17.64
CA GLU A 117 -22.26 -13.83 -18.78
C GLU A 117 -21.26 -14.96 -18.52
N TYR A 118 -20.12 -14.62 -17.92
CA TYR A 118 -19.14 -15.64 -17.57
C TYR A 118 -19.71 -16.64 -16.58
N LEU A 119 -20.55 -16.17 -15.65
CA LEU A 119 -21.14 -17.08 -14.68
C LEU A 119 -22.11 -18.04 -15.35
N VAL A 120 -22.89 -17.56 -16.30
CA VAL A 120 -23.79 -18.46 -17.03
C VAL A 120 -22.99 -19.51 -17.80
N SER A 121 -21.95 -19.08 -18.50
CA SER A 121 -21.13 -20.01 -19.27
C SER A 121 -20.46 -21.03 -18.37
N PHE A 122 -19.90 -20.58 -17.24
CA PHE A 122 -19.26 -21.49 -16.31
C PHE A 122 -20.27 -22.45 -15.69
N GLY A 123 -21.50 -21.98 -15.46
CA GLY A 123 -22.52 -22.91 -14.99
C GLY A 123 -22.77 -24.03 -15.97
N VAL A 124 -22.92 -23.68 -17.25
CA VAL A 124 -23.10 -24.72 -18.27
C VAL A 124 -21.93 -25.69 -18.25
N TRP A 125 -20.70 -25.15 -18.23
CA TRP A 125 -19.50 -25.98 -18.27
C TRP A 125 -19.43 -26.90 -17.07
N ILE A 126 -19.70 -26.38 -15.87
CA ILE A 126 -19.51 -27.15 -14.66
C ILE A 126 -20.64 -28.15 -14.47
N ARG A 127 -21.82 -27.91 -15.05
CA ARG A 127 -22.88 -28.90 -14.94
C ARG A 127 -22.74 -29.99 -15.98
N THR A 128 -22.11 -29.70 -17.12
CA THR A 128 -21.86 -30.74 -18.10
C THR A 128 -20.92 -31.80 -17.50
N PRO A 129 -21.23 -33.08 -17.67
CA PRO A 129 -20.37 -34.14 -17.14
C PRO A 129 -18.96 -34.06 -17.73
N PRO A 130 -17.97 -34.65 -17.07
CA PRO A 130 -16.58 -34.47 -17.54
C PRO A 130 -16.31 -35.07 -18.90
N ALA A 131 -16.82 -36.27 -19.19
CA ALA A 131 -16.56 -36.91 -20.46
C ALA A 131 -17.17 -36.16 -21.65
N TYR A 132 -17.95 -35.12 -21.40
CA TYR A 132 -18.62 -34.38 -22.46
C TYR A 132 -18.27 -32.91 -22.49
N ARG A 133 -17.49 -32.41 -21.56
CA ARG A 133 -17.15 -31.00 -21.58
C ARG A 133 -15.69 -30.80 -21.98
N PRO A 134 -15.36 -29.66 -22.58
CA PRO A 134 -13.97 -29.43 -22.97
C PRO A 134 -13.06 -29.41 -21.76
N PRO A 135 -11.79 -29.74 -21.94
CA PRO A 135 -10.91 -29.91 -20.77
C PRO A 135 -10.49 -28.62 -20.11
N ASN A 136 -10.47 -27.51 -20.84
CA ASN A 136 -10.03 -26.23 -20.30
C ASN A 136 -11.25 -25.38 -19.92
N ALA A 137 -11.34 -24.99 -18.66
CA ALA A 137 -12.47 -24.22 -18.17
C ALA A 137 -12.50 -22.84 -18.81
N PRO A 138 -13.67 -22.22 -18.90
CA PRO A 138 -13.75 -20.87 -19.42
C PRO A 138 -13.01 -19.90 -18.50
N ILE A 139 -12.36 -18.91 -19.12
CA ILE A 139 -11.44 -18.03 -18.42
C ILE A 139 -11.93 -16.60 -18.55
N LEU A 140 -11.94 -15.89 -17.42
CA LEU A 140 -12.22 -14.46 -17.38
C LEU A 140 -10.90 -13.75 -17.09
N SER A 141 -10.32 -13.13 -18.11
CA SER A 141 -9.00 -12.54 -17.97
C SER A 141 -8.93 -11.25 -18.79
N THR A 142 -7.98 -10.40 -18.42
CA THR A 142 -7.71 -9.15 -19.13
C THR A 142 -6.68 -9.32 -20.24
N LEU A 143 -6.36 -10.55 -20.60
CA LEU A 143 -5.32 -10.86 -21.57
C LEU A 143 -5.86 -11.77 -22.65
N PRO A 144 -5.28 -11.71 -23.86
CA PRO A 144 -5.69 -12.65 -24.91
C PRO A 144 -5.16 -14.06 -24.67
N GLU A 145 -5.39 -14.97 -25.61
CA GLU A 145 -4.94 -16.35 -25.47
C GLU A 145 -3.43 -16.50 -25.63
N THR A 146 -2.72 -15.45 -26.05
CA THR A 146 -1.27 -15.50 -26.18
C THR A 146 -0.55 -15.03 -24.93
N THR A 147 -1.18 -14.17 -24.13
CA THR A 147 -0.62 -13.66 -22.88
C THR A 147 0.74 -13.02 -23.09
N VAL A 148 0.79 -12.11 -24.07
CA VAL A 148 2.00 -11.35 -24.38
C VAL A 148 1.61 -9.88 -24.52
N VAL A 149 2.21 -9.02 -23.70
CA VAL A 149 1.85 -7.61 -23.66
C VAL A 149 2.80 -6.83 -24.55
N ARG A 150 2.25 -5.86 -25.29
CA ARG A 150 3.03 -5.05 -26.20
C ARG A 150 2.77 -3.56 -25.97
N MET B 1 -5.18 -1.90 4.55
CA MET B 1 -6.03 -0.75 4.24
C MET B 1 -6.64 -0.17 5.51
N ASP B 2 -6.85 1.15 5.51
CA ASP B 2 -7.46 1.85 6.63
C ASP B 2 -8.89 2.29 6.32
N ILE B 3 -9.65 1.43 5.66
CA ILE B 3 -11.00 1.78 5.23
C ILE B 3 -11.83 2.19 6.44
N ASP B 4 -12.38 3.40 6.39
CA ASP B 4 -13.30 3.88 7.39
C ASP B 4 -14.71 3.65 6.89
N PRO B 5 -15.55 2.87 7.58
CA PRO B 5 -16.87 2.54 7.03
C PRO B 5 -17.82 3.73 6.94
N TYR B 6 -17.52 4.85 7.58
CA TYR B 6 -18.36 6.03 7.54
C TYR B 6 -17.77 7.15 6.70
N LYS B 7 -16.53 7.01 6.23
CA LYS B 7 -15.88 8.11 5.54
C LYS B 7 -16.61 8.49 4.26
N GLU B 8 -17.12 7.50 3.53
CA GLU B 8 -17.82 7.79 2.29
C GLU B 8 -19.11 8.55 2.53
N PHE B 9 -19.63 8.50 3.74
CA PHE B 9 -20.90 9.15 4.05
C PHE B 9 -20.71 10.56 4.60
N GLY B 10 -19.72 10.76 5.45
CA GLY B 10 -19.43 12.09 5.95
C GLY B 10 -19.00 12.08 7.41
N ALA B 11 -19.21 10.98 8.07
CA ALA B 11 -18.81 10.82 9.46
C ALA B 11 -17.51 10.03 9.53
N THR B 12 -16.96 9.94 10.73
CA THR B 12 -15.77 9.14 10.98
C THR B 12 -15.96 8.38 12.28
N VAL B 13 -15.00 7.50 12.58
CA VAL B 13 -15.03 6.83 13.87
C VAL B 13 -14.76 7.81 15.00
N GLU B 14 -13.92 8.82 14.77
CA GLU B 14 -13.76 9.89 15.75
C GLU B 14 -15.06 10.64 15.97
N LEU B 15 -15.89 10.79 14.95
CA LEU B 15 -17.16 11.48 15.11
C LEU B 15 -18.18 10.62 15.83
N LEU B 16 -18.25 9.32 15.50
CA LEU B 16 -19.17 8.43 16.21
C LEU B 16 -18.70 8.09 17.61
N SER B 17 -17.45 8.35 17.94
CA SER B 17 -16.99 8.14 19.31
C SER B 17 -17.56 9.19 20.26
N PHE B 18 -18.23 10.22 19.73
CA PHE B 18 -18.96 11.16 20.57
C PHE B 18 -20.02 10.44 21.38
N LEU B 19 -20.85 9.65 20.71
CA LEU B 19 -21.85 8.86 21.39
C LEU B 19 -21.17 7.81 22.28
N PRO B 20 -21.69 7.53 23.45
CA PRO B 20 -21.07 6.52 24.31
C PRO B 20 -21.35 5.11 23.82
N SER B 21 -20.80 4.11 24.51
CA SER B 21 -21.03 2.72 24.13
C SER B 21 -22.38 2.21 24.61
N ASP B 22 -22.93 2.81 25.66
CA ASP B 22 -24.22 2.39 26.21
C ASP B 22 -25.41 3.09 25.55
N PHE B 23 -25.17 3.89 24.52
CA PHE B 23 -26.26 4.64 23.90
C PHE B 23 -26.96 3.90 22.78
N PHE B 24 -26.24 3.06 22.06
CA PHE B 24 -26.80 2.43 20.87
C PHE B 24 -27.78 1.33 21.27
N PRO B 25 -28.91 1.22 20.59
CA PRO B 25 -29.87 0.16 20.90
C PRO B 25 -29.29 -1.22 20.62
N SER B 26 -29.99 -2.23 21.13
CA SER B 26 -29.56 -3.60 20.90
C SER B 26 -29.71 -3.98 19.43
N VAL B 27 -28.93 -4.98 19.02
CA VAL B 27 -28.99 -5.43 17.63
C VAL B 27 -30.38 -5.96 17.30
N ARG B 28 -31.07 -6.53 18.28
CA ARG B 28 -32.43 -7.00 18.03
C ARG B 28 -33.36 -5.84 17.70
N ASP B 29 -33.30 -4.76 18.50
CA ASP B 29 -34.13 -3.61 18.22
C ASP B 29 -33.78 -2.98 16.87
N LEU B 30 -32.49 -2.90 16.56
CA LEU B 30 -32.08 -2.30 15.30
C LEU B 30 -32.54 -3.14 14.12
N LEU B 31 -32.43 -4.46 14.21
CA LEU B 31 -32.87 -5.31 13.11
C LEU B 31 -34.39 -5.32 12.98
N ASP B 32 -35.12 -5.22 14.09
CA ASP B 32 -36.57 -5.09 14.02
C ASP B 32 -36.97 -3.79 13.35
N THR B 33 -36.30 -2.69 13.68
CA THR B 33 -36.58 -1.42 13.01
C THR B 33 -36.26 -1.51 11.53
N ALA B 34 -35.09 -2.05 11.18
CA ALA B 34 -34.71 -2.21 9.78
C ALA B 34 -35.75 -3.02 9.03
N SER B 35 -36.17 -4.15 9.60
CA SER B 35 -37.20 -4.97 8.97
C SER B 35 -38.47 -4.14 8.76
N ALA B 36 -39.07 -3.68 9.86
CA ALA B 36 -40.38 -3.04 9.80
C ALA B 36 -40.40 -1.87 8.84
N LEU B 37 -39.30 -1.12 8.74
CA LEU B 37 -39.33 0.08 7.92
C LEU B 37 -38.81 -0.11 6.50
N TYR B 38 -37.88 -1.04 6.26
CA TYR B 38 -37.24 -1.13 4.96
C TYR B 38 -37.02 -2.57 4.52
N ARG B 39 -37.92 -3.49 4.88
CA ARG B 39 -37.73 -4.87 4.44
C ARG B 39 -37.81 -4.98 2.93
N GLU B 40 -38.85 -4.39 2.33
CA GLU B 40 -38.99 -4.45 0.88
C GLU B 40 -37.87 -3.73 0.16
N ALA B 41 -37.28 -2.72 0.78
CA ALA B 41 -36.16 -2.01 0.17
C ALA B 41 -34.85 -2.76 0.28
N LEU B 42 -34.65 -3.50 1.38
CA LEU B 42 -33.42 -4.26 1.53
C LEU B 42 -33.50 -5.60 0.82
N GLU B 43 -34.69 -6.07 0.50
CA GLU B 43 -34.87 -7.31 -0.24
C GLU B 43 -35.02 -7.07 -1.74
N SER B 44 -34.99 -5.83 -2.19
CA SER B 44 -35.28 -5.54 -3.59
C SER B 44 -34.01 -5.57 -4.41
N PRO B 45 -34.12 -5.92 -5.69
CA PRO B 45 -32.95 -5.92 -6.59
C PRO B 45 -32.67 -4.54 -7.18
N GLU B 46 -32.36 -3.58 -6.31
CA GLU B 46 -32.09 -2.22 -6.73
C GLU B 46 -31.10 -1.58 -5.76
N HIS B 47 -30.17 -0.81 -6.29
CA HIS B 47 -29.29 0.01 -5.46
C HIS B 47 -30.05 1.24 -4.98
N CYS B 48 -31.02 1.00 -4.09
CA CYS B 48 -31.87 2.08 -3.63
C CYS B 48 -31.06 3.21 -2.99
N SER B 49 -29.98 2.88 -2.31
CA SER B 49 -29.07 3.86 -1.73
C SER B 49 -27.78 3.19 -1.28
N PRO B 50 -26.67 3.92 -1.22
CA PRO B 50 -25.48 3.37 -0.56
C PRO B 50 -25.75 2.94 0.86
N HIS B 51 -26.69 3.62 1.52
CA HIS B 51 -27.10 3.18 2.86
C HIS B 51 -27.75 1.81 2.79
N HIS B 52 -28.55 1.55 1.75
CA HIS B 52 -29.16 0.24 1.60
C HIS B 52 -28.12 -0.83 1.34
N THR B 53 -27.13 -0.53 0.49
CA THR B 53 -26.06 -1.49 0.25
C THR B 53 -25.32 -1.82 1.53
N ALA B 54 -24.92 -0.79 2.28
CA ALA B 54 -24.18 -1.00 3.51
C ALA B 54 -25.03 -1.75 4.54
N LEU B 55 -26.33 -1.47 4.59
CA LEU B 55 -27.20 -2.15 5.55
C LEU B 55 -27.36 -3.62 5.20
N ARG B 56 -27.53 -3.94 3.92
CA ARG B 56 -27.59 -5.34 3.50
C ARG B 56 -26.33 -6.08 3.90
N GLN B 57 -25.17 -5.51 3.57
CA GLN B 57 -23.90 -6.15 3.91
C GLN B 57 -23.78 -6.34 5.41
N ALA B 58 -24.14 -5.31 6.18
CA ALA B 58 -24.00 -5.38 7.63
C ALA B 58 -24.89 -6.46 8.22
N ILE B 59 -26.14 -6.55 7.75
CA ILE B 59 -27.05 -7.57 8.26
C ILE B 59 -26.52 -8.96 7.97
N LEU B 60 -26.14 -9.22 6.72
CA LEU B 60 -25.67 -10.55 6.36
C LEU B 60 -24.41 -10.92 7.12
N CYS B 61 -23.48 -9.98 7.26
CA CYS B 61 -22.22 -10.30 7.88
C CYS B 61 -22.33 -10.38 9.41
N TRP B 62 -23.29 -9.67 10.00
CA TRP B 62 -23.60 -9.88 11.40
C TRP B 62 -24.21 -11.26 11.62
N GLY B 63 -25.07 -11.69 10.70
CA GLY B 63 -25.54 -13.06 10.77
C GLY B 63 -24.42 -14.08 10.67
N GLU B 64 -23.41 -13.77 9.86
CA GLU B 64 -22.23 -14.63 9.77
C GLU B 64 -21.51 -14.71 11.11
N LEU B 65 -21.25 -13.55 11.72
CA LEU B 65 -20.60 -13.52 13.03
C LEU B 65 -21.41 -14.29 14.07
N MET B 66 -22.74 -14.15 14.02
CA MET B 66 -23.59 -14.87 14.97
C MET B 66 -23.51 -16.37 14.75
N THR B 67 -23.48 -16.82 13.49
CA THR B 67 -23.33 -18.24 13.21
C THR B 67 -22.02 -18.77 13.79
N LEU B 68 -20.92 -18.04 13.56
CA LEU B 68 -19.64 -18.47 14.11
C LEU B 68 -19.68 -18.53 15.64
N ALA B 69 -20.29 -17.53 16.26
CA ALA B 69 -20.34 -17.48 17.72
C ALA B 69 -21.17 -18.62 18.29
N THR B 70 -22.31 -18.94 17.65
CA THR B 70 -23.14 -20.03 18.12
C THR B 70 -22.43 -21.38 17.95
N TRP B 71 -21.74 -21.57 16.84
CA TRP B 71 -20.99 -22.80 16.66
C TRP B 71 -19.90 -22.94 17.73
N VAL B 72 -19.15 -21.87 17.97
CA VAL B 72 -18.10 -21.91 18.98
C VAL B 72 -18.69 -22.21 20.36
N GLY B 73 -19.80 -21.55 20.71
CA GLY B 73 -20.40 -21.80 22.00
C GLY B 73 -20.95 -23.19 22.15
N VAL B 74 -21.55 -23.74 21.09
CA VAL B 74 -22.03 -25.11 21.13
C VAL B 74 -20.87 -26.07 21.35
N ASN B 75 -19.71 -25.78 20.75
CA ASN B 75 -18.57 -26.67 20.92
C ASN B 75 -17.79 -26.43 22.21
N LEU B 76 -17.97 -25.30 22.89
CA LEU B 76 -17.15 -24.95 24.03
C LEU B 76 -17.52 -25.79 25.26
N GLU B 77 -16.65 -25.75 26.28
CA GLU B 77 -16.77 -26.68 27.39
C GLU B 77 -17.71 -26.18 28.48
N ASP B 78 -17.41 -25.05 29.09
CA ASP B 78 -18.09 -24.66 30.32
C ASP B 78 -18.82 -23.33 30.15
N PRO B 79 -19.89 -23.12 30.91
CA PRO B 79 -20.62 -21.84 30.81
C PRO B 79 -19.78 -20.64 31.18
N ALA B 80 -18.76 -20.81 32.00
CA ALA B 80 -17.88 -19.68 32.34
C ALA B 80 -17.19 -19.12 31.11
N SER B 81 -16.41 -19.95 30.42
CA SER B 81 -15.76 -19.49 29.20
C SER B 81 -16.77 -19.20 28.09
N ARG B 82 -17.92 -19.86 28.09
CA ARG B 82 -18.94 -19.55 27.10
C ARG B 82 -19.45 -18.13 27.27
N ASP B 83 -19.75 -17.74 28.50
CA ASP B 83 -20.22 -16.38 28.75
C ASP B 83 -19.09 -15.36 28.59
N LEU B 84 -17.85 -15.79 28.83
CA LEU B 84 -16.72 -14.90 28.52
C LEU B 84 -16.62 -14.62 27.03
N VAL B 85 -16.75 -15.67 26.22
CA VAL B 85 -16.75 -15.52 24.77
C VAL B 85 -17.90 -14.62 24.33
N VAL B 86 -19.09 -14.84 24.89
CA VAL B 86 -20.25 -14.04 24.53
C VAL B 86 -20.05 -12.58 24.93
N SER B 87 -19.45 -12.35 26.10
CA SER B 87 -19.20 -10.98 26.54
C SER B 87 -18.20 -10.29 25.63
N TYR B 88 -17.16 -11.00 25.21
CA TYR B 88 -16.21 -10.42 24.26
C TYR B 88 -16.89 -10.08 22.94
N VAL B 89 -17.61 -11.05 22.37
CA VAL B 89 -18.33 -10.82 21.12
C VAL B 89 -19.23 -9.60 21.25
N ASN B 90 -19.99 -9.51 22.34
CA ASN B 90 -20.85 -8.35 22.55
C ASN B 90 -20.01 -7.09 22.56
N THR B 91 -19.16 -6.94 23.58
CA THR B 91 -18.50 -5.65 23.83
C THR B 91 -17.75 -5.13 22.62
N ASN B 92 -17.20 -6.02 21.79
CA ASN B 92 -16.50 -5.51 20.61
C ASN B 92 -17.38 -5.54 19.36
N MET B 93 -17.75 -6.74 18.90
CA MET B 93 -18.41 -6.85 17.62
C MET B 93 -19.84 -6.33 17.69
N GLY B 94 -20.57 -6.66 18.74
CA GLY B 94 -21.93 -6.18 18.85
C GLY B 94 -21.99 -4.67 18.96
N LEU B 95 -21.05 -4.08 19.69
CA LEU B 95 -20.98 -2.62 19.79
C LEU B 95 -20.71 -2.01 18.42
N LYS B 96 -19.70 -2.52 17.73
CA LYS B 96 -19.38 -1.97 16.40
C LYS B 96 -20.54 -2.12 15.44
N PHE B 97 -21.23 -3.25 15.50
CA PHE B 97 -22.27 -3.50 14.51
C PHE B 97 -23.55 -2.76 14.84
N ARG B 98 -23.83 -2.51 16.13
CA ARG B 98 -24.97 -1.66 16.41
C ARG B 98 -24.63 -0.20 16.16
N GLN B 99 -23.36 0.18 16.24
CA GLN B 99 -22.95 1.48 15.71
C GLN B 99 -23.30 1.58 14.23
N LEU B 100 -22.86 0.59 13.44
CA LEU B 100 -23.09 0.63 11.99
C LEU B 100 -24.57 0.62 11.66
N LEU B 101 -25.32 -0.28 12.30
CA LEU B 101 -26.76 -0.38 12.02
C LEU B 101 -27.49 0.88 12.45
N TRP B 102 -27.17 1.43 13.62
CA TRP B 102 -27.77 2.69 14.05
C TRP B 102 -27.48 3.78 13.04
N PHE B 103 -26.23 3.92 12.61
CA PHE B 103 -25.87 4.97 11.68
C PHE B 103 -26.67 4.86 10.40
N HIS B 104 -26.70 3.68 9.80
CA HIS B 104 -27.31 3.55 8.49
C HIS B 104 -28.84 3.62 8.58
N ILE B 105 -29.44 3.04 9.61
CA ILE B 105 -30.89 3.13 9.77
C ILE B 105 -31.31 4.57 10.02
N SER B 106 -30.59 5.26 10.91
CA SER B 106 -30.94 6.64 11.21
C SER B 106 -30.74 7.53 9.99
N CYS B 107 -29.69 7.29 9.22
CA CYS B 107 -29.49 8.03 7.98
C CYS B 107 -30.67 7.81 7.03
N LEU B 108 -31.03 6.54 6.81
CA LEU B 108 -32.11 6.23 5.90
C LEU B 108 -33.43 6.85 6.35
N THR B 109 -33.64 6.95 7.66
CA THR B 109 -34.95 7.39 8.14
C THR B 109 -35.05 8.91 8.24
N PHE B 110 -34.05 9.57 8.84
CA PHE B 110 -34.09 11.00 9.09
C PHE B 110 -33.26 11.81 8.10
N GLY B 111 -32.11 11.31 7.69
CA GLY B 111 -31.24 12.08 6.82
C GLY B 111 -29.79 12.04 7.26
N ARG B 112 -28.87 11.97 6.30
CA ARG B 112 -27.45 11.87 6.64
C ARG B 112 -26.97 13.14 7.33
N GLU B 113 -27.33 14.30 6.80
CA GLU B 113 -26.95 15.55 7.43
C GLU B 113 -27.55 15.65 8.82
N THR B 114 -28.79 15.18 8.98
CA THR B 114 -29.42 15.21 10.29
C THR B 114 -28.68 14.32 11.27
N VAL B 115 -28.22 13.15 10.82
CA VAL B 115 -27.49 12.27 11.71
C VAL B 115 -26.16 12.89 12.13
N ILE B 116 -25.47 13.56 11.20
CA ILE B 116 -24.20 14.17 11.55
C ILE B 116 -24.39 15.34 12.51
N GLU B 117 -25.41 16.17 12.25
CA GLU B 117 -25.74 17.25 13.16
C GLU B 117 -26.10 16.71 14.54
N TYR B 118 -26.82 15.59 14.58
CA TYR B 118 -27.16 14.96 15.84
C TYR B 118 -25.92 14.48 16.57
N LEU B 119 -24.93 13.98 15.82
CA LEU B 119 -23.69 13.54 16.44
C LEU B 119 -22.98 14.72 17.10
N VAL B 120 -22.91 15.85 16.40
CA VAL B 120 -22.25 17.03 16.98
C VAL B 120 -23.02 17.51 18.22
N SER B 121 -24.35 17.53 18.13
CA SER B 121 -25.16 18.01 19.25
C SER B 121 -25.02 17.09 20.46
N PHE B 122 -25.00 15.77 20.23
CA PHE B 122 -24.81 14.85 21.34
C PHE B 122 -23.41 14.95 21.91
N GLY B 123 -22.42 15.26 21.08
CA GLY B 123 -21.09 15.51 21.61
C GLY B 123 -21.09 16.70 22.56
N VAL B 124 -21.73 17.80 22.16
CA VAL B 124 -21.85 18.96 23.04
C VAL B 124 -22.55 18.58 24.33
N TRP B 125 -23.67 17.85 24.21
CA TRP B 125 -24.45 17.48 25.37
C TRP B 125 -23.65 16.63 26.34
N ILE B 126 -22.88 15.68 25.81
CA ILE B 126 -22.15 14.76 26.68
C ILE B 126 -20.90 15.40 27.23
N ARG B 127 -20.38 16.46 26.60
CA ARG B 127 -19.25 17.17 27.18
C ARG B 127 -19.66 18.18 28.22
N THR B 128 -20.86 18.74 28.13
CA THR B 128 -21.30 19.71 29.13
C THR B 128 -21.36 19.05 30.50
N PRO B 129 -20.80 19.68 31.54
CA PRO B 129 -20.79 19.05 32.85
C PRO B 129 -22.20 18.84 33.37
N PRO B 130 -22.40 17.84 34.23
CA PRO B 130 -23.77 17.46 34.60
C PRO B 130 -24.60 18.58 35.21
N ALA B 131 -23.99 19.41 36.06
CA ALA B 131 -24.73 20.49 36.69
C ALA B 131 -25.40 21.39 35.67
N TYR B 132 -24.83 21.51 34.46
CA TYR B 132 -25.40 22.33 33.41
C TYR B 132 -25.81 21.50 32.21
N ARG B 133 -25.99 20.19 32.39
CA ARG B 133 -26.39 19.33 31.30
C ARG B 133 -27.90 19.11 31.35
N PRO B 134 -28.64 19.44 30.30
CA PRO B 134 -30.10 19.28 30.34
C PRO B 134 -30.49 17.83 30.46
N PRO B 135 -31.60 17.53 31.14
CA PRO B 135 -32.06 16.13 31.19
C PRO B 135 -32.55 15.62 29.86
N ASN B 136 -33.01 16.50 28.97
CA ASN B 136 -33.50 16.10 27.65
C ASN B 136 -32.31 15.90 26.71
N ALA B 137 -31.77 14.68 26.72
CA ALA B 137 -30.71 14.31 25.80
C ALA B 137 -31.21 14.46 24.38
N PRO B 138 -30.35 14.89 23.45
CA PRO B 138 -30.80 15.07 22.06
C PRO B 138 -31.32 13.77 21.49
N ILE B 139 -32.38 13.87 20.70
CA ILE B 139 -33.04 12.70 20.16
C ILE B 139 -33.46 13.00 18.72
N LEU B 140 -33.32 12.02 17.85
CA LEU B 140 -33.74 12.16 16.47
C LEU B 140 -35.25 12.03 16.38
N SER B 141 -35.88 12.96 15.66
CA SER B 141 -37.32 12.94 15.52
C SER B 141 -37.71 13.59 14.21
N THR B 142 -38.89 13.22 13.71
CA THR B 142 -39.42 13.81 12.49
C THR B 142 -40.48 14.86 12.82
N LEU B 143 -41.44 14.51 13.68
CA LEU B 143 -42.49 15.44 14.06
C LEU B 143 -41.93 16.53 14.99
N MET C 1 11.13 11.78 4.81
CA MET C 1 10.19 12.81 4.39
C MET C 1 8.97 12.18 3.75
N ASP C 2 8.93 10.84 3.75
CA ASP C 2 7.86 10.07 3.14
C ASP C 2 7.76 10.32 1.64
N ILE C 3 8.85 10.02 0.93
CA ILE C 3 8.92 10.14 -0.51
C ILE C 3 8.71 8.78 -1.14
N ASP C 4 7.74 8.68 -2.03
CA ASP C 4 7.50 7.46 -2.78
C ASP C 4 8.02 7.63 -4.19
N PRO C 5 9.04 6.88 -4.62
CA PRO C 5 9.66 7.18 -5.92
C PRO C 5 8.76 6.87 -7.10
N TYR C 6 7.92 5.84 -6.99
CA TYR C 6 7.10 5.46 -8.14
C TYR C 6 5.91 6.38 -8.31
N LYS C 7 5.59 7.17 -7.28
CA LYS C 7 4.37 7.97 -7.28
C LYS C 7 4.34 8.94 -8.45
N GLU C 8 5.45 9.64 -8.69
CA GLU C 8 5.49 10.60 -9.80
C GLU C 8 5.35 9.93 -11.16
N PHE C 9 5.44 8.61 -11.22
CA PHE C 9 5.22 7.87 -12.46
C PHE C 9 3.86 7.21 -12.53
N GLY C 10 3.07 7.29 -11.46
CA GLY C 10 1.79 6.63 -11.44
C GLY C 10 1.79 5.24 -10.88
N ALA C 11 2.83 4.86 -10.13
CA ALA C 11 2.89 3.55 -9.52
C ALA C 11 3.13 3.67 -8.03
N THR C 12 3.25 2.54 -7.34
CA THR C 12 3.40 2.55 -5.89
C THR C 12 4.14 1.29 -5.47
N VAL C 13 4.82 1.38 -4.33
CA VAL C 13 5.49 0.21 -3.77
C VAL C 13 4.49 -0.91 -3.54
N GLU C 14 3.25 -0.58 -3.23
CA GLU C 14 2.22 -1.61 -3.10
C GLU C 14 1.93 -2.27 -4.45
N LEU C 15 2.10 -1.54 -5.55
CA LEU C 15 1.86 -2.12 -6.86
C LEU C 15 3.05 -2.92 -7.36
N LEU C 16 4.26 -2.56 -6.95
CA LEU C 16 5.42 -3.35 -7.34
C LEU C 16 5.65 -4.55 -6.43
N SER C 17 5.19 -4.49 -5.19
CA SER C 17 5.12 -5.68 -4.35
C SER C 17 3.94 -6.57 -4.71
N PHE C 18 3.04 -6.08 -5.56
CA PHE C 18 1.95 -6.90 -6.08
C PHE C 18 2.46 -7.98 -7.00
N LEU C 19 3.73 -7.93 -7.37
CA LEU C 19 4.44 -8.96 -8.10
C LEU C 19 5.38 -9.69 -7.17
N PRO C 20 5.74 -10.94 -7.48
CA PRO C 20 6.60 -11.72 -6.58
C PRO C 20 8.00 -11.13 -6.51
N SER C 21 8.72 -11.54 -5.47
CA SER C 21 10.07 -11.03 -5.25
C SER C 21 11.10 -11.69 -6.16
N ASP C 22 10.88 -12.94 -6.54
CA ASP C 22 11.81 -13.66 -7.41
C ASP C 22 11.50 -13.47 -8.89
N PHE C 23 10.58 -12.57 -9.24
CA PHE C 23 10.28 -12.31 -10.64
C PHE C 23 11.25 -11.33 -11.26
N PHE C 24 11.74 -10.37 -10.49
CA PHE C 24 12.52 -9.27 -11.05
C PHE C 24 13.92 -9.75 -11.40
N PRO C 25 14.44 -9.39 -12.57
CA PRO C 25 15.77 -9.86 -12.97
C PRO C 25 16.84 -9.35 -12.02
N SER C 26 17.97 -10.05 -12.03
CA SER C 26 19.08 -9.69 -11.15
C SER C 26 19.58 -8.28 -11.47
N VAL C 27 20.22 -7.66 -10.48
CA VAL C 27 20.70 -6.30 -10.65
C VAL C 27 21.77 -6.25 -11.74
N ARG C 28 22.56 -7.31 -11.88
CA ARG C 28 23.55 -7.36 -12.95
C ARG C 28 22.88 -7.44 -14.32
N ASP C 29 21.84 -8.27 -14.43
CA ASP C 29 21.11 -8.35 -15.70
C ASP C 29 20.48 -7.02 -16.05
N LEU C 30 19.92 -6.32 -15.07
CA LEU C 30 19.27 -5.05 -15.36
C LEU C 30 20.30 -3.98 -15.73
N LEU C 31 21.45 -3.95 -15.04
CA LEU C 31 22.48 -2.99 -15.40
C LEU C 31 23.06 -3.29 -16.77
N ASP C 32 23.18 -4.57 -17.15
CA ASP C 32 23.65 -4.91 -18.49
C ASP C 32 22.63 -4.48 -19.54
N THR C 33 21.34 -4.69 -19.27
CA THR C 33 20.32 -4.21 -20.19
C THR C 33 20.39 -2.70 -20.36
N ALA C 34 20.58 -1.98 -19.25
CA ALA C 34 20.69 -0.52 -19.32
C ALA C 34 21.90 -0.11 -20.15
N SER C 35 23.06 -0.71 -19.88
CA SER C 35 24.27 -0.35 -20.61
C SER C 35 24.16 -0.71 -22.09
N ALA C 36 23.39 -1.75 -22.42
CA ALA C 36 23.28 -2.18 -23.80
C ALA C 36 22.27 -1.35 -24.58
N LEU C 37 21.23 -0.85 -23.91
CA LEU C 37 20.14 -0.18 -24.62
C LEU C 37 20.19 1.34 -24.52
N TYR C 38 20.48 1.91 -23.35
CA TYR C 38 20.37 3.36 -23.16
C TYR C 38 21.63 3.98 -22.59
N ARG C 39 22.80 3.44 -22.92
CA ARG C 39 24.05 4.01 -22.41
C ARG C 39 24.27 5.42 -22.94
N GLU C 40 24.11 5.60 -24.26
CA GLU C 40 24.33 6.91 -24.85
C GLU C 40 23.33 7.94 -24.38
N ALA C 41 22.17 7.50 -23.88
CA ALA C 41 21.20 8.44 -23.33
C ALA C 41 21.44 8.73 -21.85
N LEU C 42 21.91 7.74 -21.10
CA LEU C 42 22.19 7.96 -19.69
C LEU C 42 23.46 8.79 -19.50
N GLU C 43 24.38 8.71 -20.46
CA GLU C 43 25.59 9.52 -20.41
C GLU C 43 25.49 10.80 -21.22
N SER C 44 24.32 11.15 -21.68
CA SER C 44 24.18 12.33 -22.51
C SER C 44 23.72 13.53 -21.69
N PRO C 45 24.19 14.72 -22.02
CA PRO C 45 23.76 15.93 -21.32
C PRO C 45 22.37 16.42 -21.76
N GLU C 46 21.35 15.61 -21.51
CA GLU C 46 19.99 15.98 -21.84
C GLU C 46 19.03 15.32 -20.86
N HIS C 47 18.01 16.06 -20.44
CA HIS C 47 16.90 15.48 -19.68
C HIS C 47 16.01 14.68 -20.63
N CYS C 48 16.56 13.58 -21.13
CA CYS C 48 15.85 12.77 -22.11
C CYS C 48 14.50 12.31 -21.57
N SER C 49 14.44 11.99 -20.27
CA SER C 49 13.21 11.56 -19.65
C SER C 49 13.34 11.50 -18.13
N PRO C 50 12.24 11.67 -17.40
CA PRO C 50 12.27 11.40 -15.95
C PRO C 50 12.76 10.01 -15.65
N HIS C 51 12.44 9.05 -16.52
CA HIS C 51 12.97 7.70 -16.34
C HIS C 51 14.49 7.69 -16.46
N HIS C 52 15.03 8.48 -17.38
CA HIS C 52 16.48 8.56 -17.52
C HIS C 52 17.11 9.17 -16.27
N THR C 53 16.50 10.21 -15.72
CA THR C 53 17.04 10.82 -14.50
C THR C 53 17.01 9.83 -13.34
N ALA C 54 15.86 9.19 -13.12
CA ALA C 54 15.75 8.22 -12.04
C ALA C 54 16.71 7.06 -12.24
N LEU C 55 16.95 6.65 -13.49
CA LEU C 55 17.85 5.55 -13.76
C LEU C 55 19.29 5.91 -13.46
N ARG C 56 19.71 7.13 -13.88
CA ARG C 56 21.04 7.61 -13.51
C ARG C 56 21.21 7.58 -12.00
N GLN C 57 20.23 8.13 -11.27
CA GLN C 57 20.37 8.20 -9.82
C GLN C 57 20.40 6.82 -9.18
N ALA C 58 19.57 5.90 -9.68
CA ALA C 58 19.55 4.55 -9.12
C ALA C 58 20.86 3.82 -9.38
N ILE C 59 21.42 3.98 -10.58
CA ILE C 59 22.69 3.33 -10.88
C ILE C 59 23.79 3.88 -9.99
N LEU C 60 23.82 5.20 -9.79
CA LEU C 60 24.85 5.77 -8.93
C LEU C 60 24.67 5.34 -7.48
N CYS C 61 23.42 5.18 -7.03
CA CYS C 61 23.19 4.72 -5.67
C CYS C 61 23.62 3.27 -5.50
N TRP C 62 23.35 2.43 -6.50
CA TRP C 62 23.81 1.06 -6.42
C TRP C 62 25.33 1.00 -6.40
N GLY C 63 25.98 1.86 -7.18
CA GLY C 63 27.43 1.96 -7.11
C GLY C 63 27.92 2.32 -5.73
N GLU C 64 27.27 3.30 -5.09
CA GLU C 64 27.70 3.73 -3.77
C GLU C 64 27.46 2.64 -2.72
N LEU C 65 26.31 1.98 -2.79
CA LEU C 65 26.02 0.90 -1.85
C LEU C 65 27.02 -0.23 -1.99
N MET C 66 27.31 -0.63 -3.23
CA MET C 66 28.29 -1.69 -3.45
C MET C 66 29.68 -1.25 -3.02
N THR C 67 29.99 0.04 -3.17
CA THR C 67 31.27 0.56 -2.69
C THR C 67 31.38 0.40 -1.18
N LEU C 68 30.35 0.81 -0.45
CA LEU C 68 30.38 0.65 1.01
C LEU C 68 30.47 -0.82 1.39
N ALA C 69 29.72 -1.67 0.69
CA ALA C 69 29.73 -3.10 1.01
C ALA C 69 31.10 -3.71 0.78
N THR C 70 31.73 -3.42 -0.37
CA THR C 70 33.02 -4.03 -0.66
C THR C 70 34.11 -3.46 0.24
N TRP C 71 33.99 -2.19 0.62
CA TRP C 71 34.96 -1.61 1.55
C TRP C 71 34.89 -2.29 2.91
N VAL C 72 33.68 -2.38 3.48
CA VAL C 72 33.56 -3.05 4.77
C VAL C 72 33.93 -4.52 4.66
N GLY C 73 33.64 -5.16 3.52
CA GLY C 73 33.99 -6.57 3.38
C GLY C 73 35.48 -6.79 3.29
N VAL C 74 36.18 -5.92 2.57
CA VAL C 74 37.63 -6.04 2.48
C VAL C 74 38.26 -5.76 3.84
N ASN C 75 37.69 -4.85 4.62
CA ASN C 75 38.31 -4.54 5.90
C ASN C 75 37.96 -5.59 6.97
N LEU C 76 36.86 -6.32 6.79
CA LEU C 76 36.53 -7.38 7.75
C LEU C 76 37.15 -8.71 7.33
N GLU C 77 37.15 -9.67 8.25
CA GLU C 77 37.79 -10.96 8.01
C GLU C 77 36.96 -12.12 8.57
N ASP C 78 35.62 -12.04 8.46
CA ASP C 78 34.74 -13.12 8.92
C ASP C 78 33.86 -13.61 7.79
N PRO C 79 34.05 -14.85 7.32
CA PRO C 79 33.31 -15.31 6.12
C PRO C 79 31.82 -15.52 6.36
N ALA C 80 31.44 -16.11 7.50
CA ALA C 80 30.03 -16.23 7.82
C ALA C 80 29.36 -14.86 7.89
N SER C 81 30.10 -13.85 8.35
CA SER C 81 29.55 -12.50 8.39
C SER C 81 29.42 -11.90 7.00
N ARG C 82 30.41 -12.16 6.14
CA ARG C 82 30.28 -11.76 4.74
C ARG C 82 28.99 -12.34 4.15
N ASP C 83 28.75 -13.63 4.38
CA ASP C 83 27.53 -14.27 3.87
C ASP C 83 26.28 -13.61 4.44
N LEU C 84 26.24 -13.40 5.76
CA LEU C 84 25.07 -12.80 6.39
C LEU C 84 24.80 -11.40 5.84
N VAL C 85 25.83 -10.57 5.76
CA VAL C 85 25.63 -9.18 5.36
C VAL C 85 25.30 -9.09 3.87
N VAL C 86 25.87 -9.98 3.04
CA VAL C 86 25.54 -9.93 1.62
C VAL C 86 24.11 -10.42 1.41
N SER C 87 23.67 -11.41 2.19
CA SER C 87 22.28 -11.85 2.10
C SER C 87 21.34 -10.73 2.53
N TYR C 88 21.68 -10.02 3.60
CA TYR C 88 20.84 -8.92 4.08
C TYR C 88 20.73 -7.82 3.04
N VAL C 89 21.88 -7.33 2.57
CA VAL C 89 21.88 -6.23 1.61
C VAL C 89 21.16 -6.65 0.34
N ASN C 90 21.33 -7.90 -0.08
CA ASN C 90 20.60 -8.39 -1.23
C ASN C 90 19.10 -8.31 -0.94
N THR C 91 18.61 -9.11 0.00
CA THR C 91 17.17 -9.26 0.18
C THR C 91 16.46 -7.94 0.45
N ASN C 92 17.17 -6.92 0.95
CA ASN C 92 16.47 -5.64 1.09
C ASN C 92 16.79 -4.64 -0.01
N MET C 93 18.06 -4.22 -0.10
CA MET C 93 18.40 -3.15 -1.01
C MET C 93 18.41 -3.65 -2.45
N GLY C 94 18.93 -4.85 -2.67
CA GLY C 94 18.92 -5.39 -4.02
C GLY C 94 17.51 -5.61 -4.53
N LEU C 95 16.58 -5.95 -3.64
CA LEU C 95 15.19 -6.09 -4.05
C LEU C 95 14.60 -4.73 -4.43
N LYS C 96 14.81 -3.72 -3.59
CA LYS C 96 14.32 -2.39 -3.92
C LYS C 96 14.89 -1.91 -5.25
N PHE C 97 16.18 -2.16 -5.48
CA PHE C 97 16.81 -1.65 -6.69
C PHE C 97 16.46 -2.49 -7.91
N ARG C 98 16.19 -3.79 -7.71
CA ARG C 98 15.67 -4.59 -8.80
C ARG C 98 14.31 -4.08 -9.24
N GLN C 99 13.42 -3.81 -8.29
CA GLN C 99 12.14 -3.22 -8.64
C GLN C 99 12.32 -1.90 -9.38
N LEU C 100 13.19 -1.02 -8.85
CA LEU C 100 13.37 0.30 -9.45
C LEU C 100 13.91 0.21 -10.87
N LEU C 101 15.00 -0.52 -11.06
CA LEU C 101 15.63 -0.62 -12.37
C LEU C 101 14.72 -1.34 -13.36
N TRP C 102 14.06 -2.42 -12.93
CA TRP C 102 13.11 -3.09 -13.79
C TRP C 102 12.03 -2.13 -14.26
N PHE C 103 11.44 -1.39 -13.31
CA PHE C 103 10.38 -0.46 -13.67
C PHE C 103 10.84 0.56 -14.69
N HIS C 104 12.01 1.16 -14.45
CA HIS C 104 12.44 2.25 -15.32
C HIS C 104 12.87 1.75 -16.69
N ILE C 105 13.61 0.65 -16.75
CA ILE C 105 14.03 0.09 -18.03
C ILE C 105 12.83 -0.36 -18.82
N SER C 106 11.89 -1.06 -18.17
CA SER C 106 10.71 -1.53 -18.87
C SER C 106 9.84 -0.37 -19.34
N CYS C 107 9.78 0.71 -18.55
CA CYS C 107 9.03 1.88 -18.99
C CYS C 107 9.67 2.49 -20.24
N LEU C 108 10.98 2.72 -20.20
CA LEU C 108 11.69 3.28 -21.35
C LEU C 108 11.54 2.41 -22.59
N THR C 109 11.48 1.09 -22.42
CA THR C 109 11.42 0.21 -23.57
C THR C 109 10.01 0.03 -24.13
N PHE C 110 9.01 -0.16 -23.27
CA PHE C 110 7.67 -0.54 -23.70
C PHE C 110 6.64 0.54 -23.51
N GLY C 111 6.73 1.32 -22.44
CA GLY C 111 5.72 2.31 -22.14
C GLY C 111 5.30 2.27 -20.68
N ARG C 112 5.11 3.43 -20.08
CA ARG C 112 4.75 3.48 -18.66
C ARG C 112 3.39 2.83 -18.42
N GLU C 113 2.41 3.17 -19.24
CA GLU C 113 1.09 2.56 -19.12
C GLU C 113 1.18 1.05 -19.34
N THR C 114 1.99 0.63 -20.30
CA THR C 114 2.16 -0.79 -20.56
C THR C 114 2.73 -1.50 -19.33
N VAL C 115 3.72 -0.88 -18.67
CA VAL C 115 4.32 -1.52 -17.50
C VAL C 115 3.33 -1.58 -16.35
N ILE C 116 2.51 -0.54 -16.17
CA ILE C 116 1.54 -0.56 -15.08
C ILE C 116 0.47 -1.62 -15.32
N GLU C 117 -0.06 -1.69 -16.55
CA GLU C 117 -1.03 -2.73 -16.87
C GLU C 117 -0.39 -4.12 -16.74
N TYR C 118 0.89 -4.24 -17.07
CA TYR C 118 1.57 -5.52 -16.89
C TYR C 118 1.64 -5.88 -15.42
N LEU C 119 1.91 -4.89 -14.56
CA LEU C 119 1.93 -5.16 -13.13
C LEU C 119 0.60 -5.73 -12.66
N VAL C 120 -0.50 -5.04 -12.98
CA VAL C 120 -1.79 -5.50 -12.49
C VAL C 120 -2.15 -6.86 -13.08
N SER C 121 -1.84 -7.07 -14.36
CA SER C 121 -2.19 -8.33 -15.01
C SER C 121 -1.39 -9.48 -14.45
N PHE C 122 -0.08 -9.31 -14.29
CA PHE C 122 0.75 -10.38 -13.77
C PHE C 122 0.41 -10.69 -12.33
N GLY C 123 0.03 -9.68 -11.55
CA GLY C 123 -0.41 -9.95 -10.19
C GLY C 123 -1.67 -10.80 -10.15
N VAL C 124 -2.70 -10.37 -10.88
CA VAL C 124 -3.94 -11.14 -10.92
C VAL C 124 -3.68 -12.54 -11.46
N TRP C 125 -2.74 -12.67 -12.39
CA TRP C 125 -2.44 -13.98 -12.97
C TRP C 125 -1.78 -14.90 -11.95
N ILE C 126 -0.78 -14.39 -11.23
CA ILE C 126 -0.14 -15.19 -10.20
C ILE C 126 -1.12 -15.55 -9.09
N ARG C 127 -2.14 -14.73 -8.88
CA ARG C 127 -3.10 -15.01 -7.82
C ARG C 127 -4.23 -15.93 -8.26
N THR C 128 -4.51 -16.01 -9.56
CA THR C 128 -5.58 -16.85 -10.07
C THR C 128 -5.16 -18.33 -10.07
N PRO C 129 -6.07 -19.23 -9.69
CA PRO C 129 -5.72 -20.64 -9.69
C PRO C 129 -5.45 -21.12 -11.10
N PRO C 130 -4.50 -22.05 -11.27
CA PRO C 130 -4.01 -22.38 -12.62
C PRO C 130 -5.10 -22.82 -13.58
N ALA C 131 -5.92 -23.80 -13.18
CA ALA C 131 -6.94 -24.34 -14.07
C ALA C 131 -7.94 -23.29 -14.53
N TYR C 132 -7.88 -22.07 -13.99
CA TYR C 132 -8.81 -21.02 -14.40
C TYR C 132 -8.06 -19.74 -14.79
N ARG C 133 -6.85 -19.90 -15.30
CA ARG C 133 -6.05 -18.79 -15.80
C ARG C 133 -5.38 -19.21 -17.09
N PRO C 134 -5.00 -18.26 -17.94
CA PRO C 134 -4.29 -18.61 -19.18
C PRO C 134 -2.99 -19.34 -18.85
N PRO C 135 -2.63 -20.35 -19.64
CA PRO C 135 -1.53 -21.23 -19.23
C PRO C 135 -0.17 -20.57 -19.25
N ASN C 136 0.04 -19.55 -20.07
CA ASN C 136 1.34 -18.90 -20.23
C ASN C 136 1.39 -17.66 -19.35
N ALA C 137 2.53 -17.45 -18.70
CA ALA C 137 2.72 -16.25 -17.91
C ALA C 137 2.79 -15.02 -18.81
N PRO C 138 2.26 -13.90 -18.37
CA PRO C 138 2.40 -12.67 -19.15
C PRO C 138 3.85 -12.23 -19.23
N ILE C 139 4.17 -11.54 -20.32
CA ILE C 139 5.54 -11.09 -20.57
C ILE C 139 5.48 -9.93 -21.55
N LEU C 140 6.38 -8.98 -21.36
CA LEU C 140 6.48 -7.83 -22.25
C LEU C 140 7.37 -8.15 -23.43
N SER C 141 6.94 -7.73 -24.62
CA SER C 141 7.67 -8.03 -25.83
C SER C 141 7.50 -6.90 -26.83
N THR C 142 8.55 -6.65 -27.61
CA THR C 142 8.52 -5.67 -28.68
C THR C 142 8.21 -6.31 -30.04
N LEU C 143 8.30 -7.64 -30.13
CA LEU C 143 8.11 -8.34 -31.39
C LEU C 143 6.64 -8.62 -31.60
N PRO C 144 6.01 -8.05 -32.64
CA PRO C 144 4.58 -8.26 -32.91
C PRO C 144 4.29 -9.66 -33.43
N MET D 1 28.95 2.00 -17.39
CA MET D 1 28.44 3.35 -17.56
C MET D 1 29.12 4.33 -16.60
N ASP D 2 29.84 5.30 -17.16
CA ASP D 2 30.44 6.38 -16.39
C ASP D 2 29.50 7.57 -16.43
N ILE D 3 28.58 7.62 -15.46
CA ILE D 3 27.53 8.62 -15.42
C ILE D 3 27.94 9.74 -14.47
N ASP D 4 27.80 10.98 -14.91
CA ASP D 4 27.99 12.15 -14.07
C ASP D 4 26.64 12.73 -13.73
N PRO D 5 26.23 12.75 -12.47
CA PRO D 5 24.85 13.15 -12.14
C PRO D 5 24.57 14.63 -12.33
N TYR D 6 25.54 15.38 -12.88
CA TYR D 6 25.34 16.80 -13.12
C TYR D 6 25.40 17.19 -14.58
N LYS D 7 26.11 16.45 -15.43
CA LYS D 7 26.20 16.83 -16.83
C LYS D 7 24.84 16.81 -17.51
N GLU D 8 23.89 16.07 -16.95
CA GLU D 8 22.51 16.18 -17.36
C GLU D 8 21.97 17.59 -17.16
N PHE D 9 22.50 18.34 -16.20
CA PHE D 9 22.02 19.67 -15.88
C PHE D 9 22.87 20.79 -16.44
N GLY D 10 24.18 20.62 -16.51
CA GLY D 10 25.04 21.64 -17.08
C GLY D 10 26.33 21.84 -16.30
N ALA D 11 26.50 21.08 -15.23
CA ALA D 11 27.70 21.11 -14.42
C ALA D 11 28.40 19.76 -14.51
N THR D 12 29.55 19.67 -13.86
CA THR D 12 30.29 18.42 -13.82
C THR D 12 30.86 18.24 -12.42
N VAL D 13 31.26 17.01 -12.11
CA VAL D 13 31.85 16.74 -10.81
C VAL D 13 33.11 17.55 -10.56
N GLU D 14 33.79 17.98 -11.63
CA GLU D 14 34.95 18.86 -11.49
C GLU D 14 34.57 20.33 -11.42
N LEU D 15 33.36 20.70 -11.85
CA LEU D 15 32.89 22.05 -11.63
C LEU D 15 32.49 22.27 -10.18
N LEU D 16 32.02 21.23 -9.51
CA LEU D 16 31.69 21.30 -8.09
C LEU D 16 32.91 21.08 -7.21
N SER D 17 34.04 20.66 -7.79
CA SER D 17 35.28 20.61 -7.02
C SER D 17 35.87 21.99 -6.80
N PHE D 18 35.36 23.01 -7.50
CA PHE D 18 35.76 24.38 -7.21
C PHE D 18 35.48 24.75 -5.76
N LEU D 19 34.35 24.33 -5.24
CA LEU D 19 34.00 24.50 -3.84
C LEU D 19 34.77 23.49 -3.00
N PRO D 20 35.39 23.90 -1.90
CA PRO D 20 36.09 22.94 -1.06
C PRO D 20 35.12 21.96 -0.40
N SER D 21 35.69 20.88 0.14
CA SER D 21 34.87 19.89 0.81
C SER D 21 34.29 20.39 2.12
N ASP D 22 34.87 21.44 2.70
CA ASP D 22 34.42 21.97 3.97
C ASP D 22 33.35 23.04 3.81
N PHE D 23 32.90 23.30 2.58
CA PHE D 23 31.96 24.38 2.34
C PHE D 23 30.50 23.95 2.45
N PHE D 24 30.18 22.74 2.03
CA PHE D 24 28.79 22.32 1.95
C PHE D 24 28.19 22.18 3.34
N PRO D 25 26.90 22.48 3.52
CA PRO D 25 26.26 22.28 4.82
C PRO D 25 26.08 20.80 5.10
N SER D 26 25.86 20.49 6.37
CA SER D 26 25.66 19.10 6.78
C SER D 26 24.38 18.53 6.16
N VAL D 27 24.32 17.20 6.10
CA VAL D 27 23.17 16.53 5.50
C VAL D 27 21.90 16.85 6.28
N ARG D 28 22.01 16.98 7.60
CA ARG D 28 20.86 17.33 8.41
C ARG D 28 20.31 18.70 7.99
N ASP D 29 21.19 19.69 7.86
CA ASP D 29 20.74 21.02 7.47
C ASP D 29 20.17 21.02 6.05
N LEU D 30 20.76 20.25 5.15
CA LEU D 30 20.25 20.20 3.79
C LEU D 30 18.87 19.57 3.73
N LEU D 31 18.67 18.47 4.45
CA LEU D 31 17.36 17.82 4.46
C LEU D 31 16.33 18.67 5.19
N ASP D 32 16.76 19.45 6.18
CA ASP D 32 15.85 20.40 6.83
C ASP D 32 15.42 21.49 5.86
N THR D 33 16.37 22.02 5.08
CA THR D 33 16.02 23.02 4.06
C THR D 33 15.07 22.44 3.03
N ALA D 34 15.30 21.19 2.63
CA ALA D 34 14.41 20.55 1.66
C ALA D 34 13.00 20.39 2.23
N SER D 35 12.90 19.86 3.46
CA SER D 35 11.59 19.70 4.08
C SER D 35 10.90 21.03 4.32
N ALA D 36 11.68 22.10 4.48
CA ALA D 36 11.08 23.40 4.75
C ALA D 36 10.55 24.06 3.48
N LEU D 37 11.32 24.02 2.40
CA LEU D 37 10.97 24.79 1.22
C LEU D 37 10.29 23.99 0.12
N TYR D 38 10.59 22.70 -0.04
CA TYR D 38 10.15 21.95 -1.21
C TYR D 38 9.50 20.63 -0.85
N ARG D 39 8.96 20.52 0.36
CA ARG D 39 8.40 19.25 0.81
C ARG D 39 7.19 18.84 -0.02
N GLU D 40 6.16 19.70 -0.05
CA GLU D 40 4.94 19.40 -0.79
C GLU D 40 5.24 19.07 -2.25
N ALA D 41 6.21 19.77 -2.84
CA ALA D 41 6.61 19.47 -4.21
C ALA D 41 7.23 18.09 -4.30
N LEU D 42 8.04 17.71 -3.33
CA LEU D 42 8.71 16.42 -3.41
C LEU D 42 7.72 15.27 -3.24
N GLU D 43 6.72 15.43 -2.37
CA GLU D 43 5.75 14.35 -2.24
C GLU D 43 4.61 14.48 -3.24
N SER D 44 4.58 15.54 -4.03
CA SER D 44 3.56 15.65 -5.07
C SER D 44 3.75 14.54 -6.10
N PRO D 45 2.68 14.11 -6.74
CA PRO D 45 2.78 13.00 -7.68
C PRO D 45 3.18 13.44 -9.07
N GLU D 46 3.67 14.66 -9.22
CA GLU D 46 3.97 15.22 -10.52
C GLU D 46 5.48 15.33 -10.73
N HIS D 47 5.89 15.24 -11.99
CA HIS D 47 7.27 15.51 -12.38
C HIS D 47 7.50 17.03 -12.40
N CYS D 48 7.61 17.59 -11.19
CA CYS D 48 7.71 19.04 -11.06
C CYS D 48 8.92 19.57 -11.81
N SER D 49 10.05 18.88 -11.71
CA SER D 49 11.28 19.29 -12.39
C SER D 49 12.31 18.17 -12.31
N PRO D 50 13.27 18.13 -13.25
CA PRO D 50 14.38 17.19 -13.10
C PRO D 50 15.10 17.32 -11.79
N HIS D 51 15.20 18.55 -11.27
CA HIS D 51 15.78 18.73 -9.95
C HIS D 51 14.96 18.03 -8.89
N HIS D 52 13.63 18.11 -8.98
CA HIS D 52 12.77 17.44 -8.02
C HIS D 52 12.93 15.93 -8.11
N THR D 53 13.02 15.39 -9.32
CA THR D 53 13.20 13.96 -9.48
C THR D 53 14.52 13.50 -8.88
N ALA D 54 15.61 14.15 -9.27
CA ALA D 54 16.93 13.79 -8.73
C ALA D 54 16.97 13.95 -7.22
N LEU D 55 16.25 14.93 -6.68
CA LEU D 55 16.29 15.16 -5.24
C LEU D 55 15.51 14.09 -4.48
N ARG D 56 14.33 13.72 -4.99
CA ARG D 56 13.61 12.58 -4.42
C ARG D 56 14.50 11.35 -4.39
N GLN D 57 15.12 11.04 -5.54
CA GLN D 57 15.97 9.85 -5.61
C GLN D 57 17.12 9.94 -4.62
N ALA D 58 17.78 11.09 -4.53
CA ALA D 58 18.91 11.24 -3.63
C ALA D 58 18.49 11.04 -2.18
N ILE D 59 17.35 11.62 -1.79
CA ILE D 59 16.87 11.47 -0.42
C ILE D 59 16.65 9.99 -0.10
N LEU D 60 16.01 9.26 -1.03
CA LEU D 60 15.81 7.83 -0.80
C LEU D 60 17.14 7.08 -0.77
N CYS D 61 18.12 7.54 -1.56
CA CYS D 61 19.42 6.90 -1.59
C CYS D 61 20.12 7.03 -0.25
N TRP D 62 20.08 8.23 0.33
CA TRP D 62 20.69 8.44 1.63
C TRP D 62 19.94 7.68 2.71
N GLY D 63 18.61 7.58 2.59
CA GLY D 63 17.88 6.71 3.50
C GLY D 63 18.37 5.29 3.46
N GLU D 64 18.61 4.76 2.25
CA GLU D 64 19.08 3.40 2.12
C GLU D 64 20.48 3.23 2.70
N LEU D 65 21.38 4.16 2.41
CA LEU D 65 22.74 4.07 2.95
C LEU D 65 22.73 4.17 4.47
N MET D 66 21.90 5.03 5.04
CA MET D 66 21.85 5.16 6.49
C MET D 66 21.25 3.93 7.12
N THR D 67 20.25 3.32 6.47
CA THR D 67 19.72 2.05 6.97
C THR D 67 20.79 0.98 6.99
N LEU D 68 21.56 0.86 5.90
CA LEU D 68 22.61 -0.15 5.85
C LEU D 68 23.67 0.10 6.91
N ALA D 69 24.14 1.35 7.03
CA ALA D 69 25.15 1.67 8.01
C ALA D 69 24.66 1.43 9.43
N THR D 70 23.39 1.78 9.71
CA THR D 70 22.83 1.56 11.03
C THR D 70 22.78 0.08 11.36
N TRP D 71 22.32 -0.74 10.41
CA TRP D 71 22.24 -2.18 10.67
C TRP D 71 23.62 -2.78 10.87
N VAL D 72 24.58 -2.40 10.03
CA VAL D 72 25.95 -2.93 10.15
C VAL D 72 26.55 -2.52 11.49
N GLY D 73 26.34 -1.27 11.89
CA GLY D 73 26.88 -0.83 13.18
C GLY D 73 26.20 -1.49 14.36
N VAL D 74 24.88 -1.71 14.27
CA VAL D 74 24.16 -2.36 15.35
C VAL D 74 24.66 -3.79 15.53
N ASN D 75 24.91 -4.50 14.42
CA ASN D 75 25.48 -5.83 14.55
C ASN D 75 26.95 -5.79 14.91
N LEU D 76 27.62 -4.65 14.70
CA LEU D 76 29.04 -4.54 14.99
C LEU D 76 29.30 -4.54 16.49
N GLU D 77 30.41 -5.16 16.90
CA GLU D 77 30.78 -5.24 18.31
C GLU D 77 31.97 -4.36 18.70
N ASP D 78 32.65 -3.72 17.74
CA ASP D 78 33.85 -2.96 18.05
C ASP D 78 33.61 -1.47 17.82
N PRO D 79 33.66 -0.64 18.86
CA PRO D 79 33.34 0.78 18.68
C PRO D 79 34.40 1.54 17.89
N ALA D 80 35.66 1.17 17.99
CA ALA D 80 36.69 1.82 17.16
C ALA D 80 36.43 1.56 15.69
N SER D 81 36.07 0.32 15.34
CA SER D 81 35.74 0.01 13.96
C SER D 81 34.47 0.72 13.52
N ARG D 82 33.51 0.89 14.44
CA ARG D 82 32.29 1.64 14.11
C ARG D 82 32.62 3.10 13.81
N ASP D 83 33.48 3.71 14.63
CA ASP D 83 33.90 5.08 14.36
C ASP D 83 34.63 5.18 13.03
N LEU D 84 35.48 4.20 12.73
CA LEU D 84 36.21 4.22 11.47
C LEU D 84 35.25 4.14 10.28
N VAL D 85 34.25 3.25 10.35
CA VAL D 85 33.36 3.09 9.21
C VAL D 85 32.43 4.29 9.07
N VAL D 86 32.02 4.89 10.19
CA VAL D 86 31.18 6.08 10.07
C VAL D 86 31.98 7.25 9.53
N SER D 87 33.27 7.32 9.85
CA SER D 87 34.11 8.36 9.27
C SER D 87 34.30 8.14 7.78
N TYR D 88 34.49 6.88 7.36
CA TYR D 88 34.60 6.57 5.94
C TYR D 88 33.33 6.97 5.20
N VAL D 89 32.16 6.62 5.76
CA VAL D 89 30.90 6.98 5.15
C VAL D 89 30.77 8.50 5.01
N ASN D 90 30.94 9.21 6.13
CA ASN D 90 30.78 10.67 6.11
C ASN D 90 31.81 11.32 5.19
N THR D 91 32.96 10.68 5.00
CA THR D 91 33.99 11.28 4.15
C THR D 91 33.62 11.11 2.68
N ASN D 92 33.24 9.91 2.26
CA ASN D 92 32.98 9.70 0.84
C ASN D 92 31.52 9.88 0.47
N MET D 93 30.63 9.03 1.02
CA MET D 93 29.23 9.15 0.66
C MET D 93 28.64 10.43 1.22
N GLY D 94 29.07 10.81 2.42
CA GLY D 94 28.60 12.05 3.01
C GLY D 94 28.91 13.26 2.15
N LEU D 95 30.16 13.38 1.71
CA LEU D 95 30.53 14.52 0.87
C LEU D 95 29.82 14.49 -0.47
N LYS D 96 29.74 13.30 -1.09
CA LYS D 96 29.07 13.20 -2.38
C LYS D 96 27.62 13.62 -2.28
N PHE D 97 26.93 13.19 -1.23
N PHE D 97 26.95 13.18 -1.22
CA PHE D 97 25.51 13.51 -1.14
CA PHE D 97 25.53 13.47 -1.05
C PHE D 97 25.27 14.93 -0.63
C PHE D 97 25.30 14.92 -0.65
N ARG D 98 26.20 15.48 0.15
CA ARG D 98 26.11 16.91 0.47
C ARG D 98 26.25 17.74 -0.80
N GLN D 99 27.16 17.35 -1.68
CA GLN D 99 27.28 18.03 -2.98
C GLN D 99 25.97 17.94 -3.75
N LEU D 100 25.42 16.73 -3.87
CA LEU D 100 24.19 16.53 -4.63
C LEU D 100 23.06 17.40 -4.10
N LEU D 101 22.84 17.37 -2.78
CA LEU D 101 21.72 18.12 -2.20
C LEU D 101 21.95 19.62 -2.28
N TRP D 102 23.16 20.09 -2.00
CA TRP D 102 23.45 21.51 -2.18
C TRP D 102 23.11 21.93 -3.60
N PHE D 103 23.60 21.18 -4.59
CA PHE D 103 23.39 21.56 -5.98
C PHE D 103 21.91 21.65 -6.30
N HIS D 104 21.15 20.61 -5.95
CA HIS D 104 19.76 20.58 -6.37
C HIS D 104 18.92 21.61 -5.63
N ILE D 105 19.10 21.72 -4.31
CA ILE D 105 18.35 22.71 -3.54
C ILE D 105 18.66 24.11 -4.02
N SER D 106 19.93 24.39 -4.34
CA SER D 106 20.30 25.73 -4.77
C SER D 106 19.78 26.03 -6.17
N CYS D 107 19.83 25.05 -7.07
CA CYS D 107 19.26 25.27 -8.40
C CYS D 107 17.76 25.45 -8.34
N LEU D 108 17.09 24.85 -7.35
CA LEU D 108 15.66 25.09 -7.22
C LEU D 108 15.38 26.46 -6.62
N THR D 109 16.17 26.88 -5.63
CA THR D 109 15.86 28.13 -4.94
C THR D 109 16.27 29.35 -5.76
N PHE D 110 17.47 29.35 -6.31
CA PHE D 110 18.01 30.53 -6.99
C PHE D 110 18.09 30.40 -8.49
N GLY D 111 18.24 29.19 -9.01
CA GLY D 111 18.31 29.00 -10.45
C GLY D 111 19.57 28.30 -10.90
N ARG D 112 19.48 27.51 -11.97
CA ARG D 112 20.63 26.73 -12.41
C ARG D 112 21.73 27.60 -12.96
N GLU D 113 21.37 28.60 -13.77
CA GLU D 113 22.37 29.51 -14.31
C GLU D 113 23.07 30.26 -13.18
N THR D 114 22.31 30.69 -12.19
CA THR D 114 22.91 31.39 -11.05
C THR D 114 23.83 30.47 -10.27
N VAL D 115 23.45 29.20 -10.11
CA VAL D 115 24.29 28.28 -9.37
C VAL D 115 25.60 28.04 -10.11
N ILE D 116 25.54 27.94 -11.44
CA ILE D 116 26.76 27.67 -12.20
C ILE D 116 27.67 28.90 -12.21
N GLU D 117 27.09 30.09 -12.39
CA GLU D 117 27.88 31.31 -12.29
C GLU D 117 28.49 31.45 -10.90
N TYR D 118 27.76 31.03 -9.86
CA TYR D 118 28.30 31.06 -8.53
C TYR D 118 29.46 30.09 -8.36
N LEU D 119 29.36 28.91 -8.99
CA LEU D 119 30.45 27.96 -8.95
C LEU D 119 31.70 28.56 -9.57
N VAL D 120 31.57 29.19 -10.74
CA VAL D 120 32.72 29.81 -11.38
C VAL D 120 33.30 30.92 -10.52
N SER D 121 32.43 31.77 -9.97
CA SER D 121 32.89 32.90 -9.18
C SER D 121 33.58 32.44 -7.90
N PHE D 122 33.03 31.42 -7.24
CA PHE D 122 33.68 30.91 -6.05
C PHE D 122 34.97 30.21 -6.37
N GLY D 123 35.07 29.58 -7.55
CA GLY D 123 36.36 29.06 -7.98
C GLY D 123 37.40 30.14 -8.08
N VAL D 124 37.04 31.27 -8.69
CA VAL D 124 37.94 32.40 -8.77
C VAL D 124 38.33 32.87 -7.37
N TRP D 125 37.34 33.05 -6.51
CA TRP D 125 37.58 33.58 -5.17
C TRP D 125 38.51 32.68 -4.37
N ILE D 126 38.29 31.37 -4.45
CA ILE D 126 39.09 30.44 -3.66
C ILE D 126 40.45 30.18 -4.31
N ARG D 127 40.60 30.47 -5.60
CA ARG D 127 41.91 30.37 -6.22
C ARG D 127 42.77 31.57 -5.87
N THR D 128 42.19 32.75 -5.80
CA THR D 128 42.93 33.96 -5.47
C THR D 128 43.64 33.79 -4.13
N PRO D 129 44.97 33.95 -4.08
CA PRO D 129 45.70 33.75 -2.82
C PRO D 129 45.20 34.69 -1.73
N PRO D 130 45.31 34.28 -0.47
CA PRO D 130 44.63 35.02 0.60
C PRO D 130 44.99 36.49 0.68
N ALA D 131 46.26 36.83 0.51
CA ALA D 131 46.68 38.22 0.64
C ALA D 131 45.96 39.15 -0.33
N TYR D 132 45.39 38.61 -1.41
CA TYR D 132 44.67 39.41 -2.39
C TYR D 132 43.23 38.96 -2.54
N ARG D 133 42.70 38.28 -1.53
CA ARG D 133 41.35 37.73 -1.59
C ARG D 133 40.40 38.66 -0.85
N PRO D 134 39.28 39.04 -1.45
CA PRO D 134 38.35 39.94 -0.75
C PRO D 134 37.75 39.24 0.45
N PRO D 135 37.46 40.00 1.52
CA PRO D 135 36.86 39.38 2.70
C PRO D 135 35.42 38.96 2.47
N ASN D 136 34.78 39.57 1.47
CA ASN D 136 33.39 39.28 1.14
C ASN D 136 33.35 38.20 0.05
N ALA D 137 33.26 36.95 0.49
CA ALA D 137 33.12 35.82 -0.40
C ALA D 137 31.79 35.92 -1.15
N PRO D 138 31.69 35.33 -2.34
CA PRO D 138 30.40 35.35 -3.05
C PRO D 138 29.43 34.37 -2.39
N ILE D 139 28.14 34.69 -2.52
CA ILE D 139 27.10 33.94 -1.83
C ILE D 139 25.83 34.03 -2.64
N LEU D 140 25.03 32.97 -2.62
CA LEU D 140 23.74 32.97 -3.27
C LEU D 140 22.72 33.69 -2.38
N SER D 141 22.00 34.64 -2.95
CA SER D 141 21.04 35.40 -2.17
C SER D 141 19.99 36.00 -3.09
N THR D 142 18.79 36.20 -2.55
CA THR D 142 17.70 36.87 -3.24
C THR D 142 17.55 38.31 -2.80
N LEU D 143 18.57 38.89 -2.18
CA LEU D 143 18.55 40.23 -1.63
C LEU D 143 19.73 41.02 -2.16
N PRO D 144 19.63 42.36 -2.18
CA PRO D 144 20.76 43.20 -2.62
C PRO D 144 22.00 43.03 -1.75
N UNK E 1 -17.79 -30.92 23.71
CA UNK E 1 -17.25 -32.19 23.26
C UNK E 1 -15.78 -32.05 22.87
N UNK E 2 -15.55 -31.43 21.72
CA UNK E 2 -14.20 -31.17 21.26
C UNK E 2 -13.71 -29.83 21.79
N UNK E 3 -14.06 -29.52 23.03
CA UNK E 3 -13.72 -28.23 23.62
C UNK E 3 -12.27 -28.15 24.05
N UNK E 4 -11.92 -27.04 24.68
CA UNK E 4 -10.53 -26.79 25.04
C UNK E 4 -10.39 -25.79 26.18
N UNK E 5 -11.36 -25.79 27.10
CA UNK E 5 -11.34 -24.92 28.28
C UNK E 5 -11.36 -23.44 27.93
N UNK E 6 -10.77 -22.62 28.78
CA UNK E 6 -10.78 -21.17 28.61
C UNK E 6 -9.51 -20.68 27.92
N UNK F 1 36.55 -2.63 10.15
CA UNK F 1 37.98 -2.92 10.17
C UNK F 1 38.30 -3.92 11.27
N UNK F 2 38.28 -3.45 12.51
CA UNK F 2 38.50 -4.32 13.66
C UNK F 2 37.18 -4.92 14.13
N UNK F 3 36.32 -5.28 13.17
CA UNK F 3 35.00 -5.79 13.48
C UNK F 3 35.04 -7.25 13.96
N UNK F 4 33.86 -7.81 14.17
CA UNK F 4 33.75 -9.15 14.73
C UNK F 4 32.43 -9.82 14.41
N UNK F 5 31.86 -9.50 13.24
CA UNK F 5 30.61 -10.10 12.79
C UNK F 5 29.43 -9.79 13.70
N UNK F 6 28.46 -10.70 13.75
CA UNK F 6 27.24 -10.51 14.51
C UNK F 6 27.34 -11.15 15.89
#